data_8ARE
#
_entry.id   8ARE
#
_cell.length_a   83.861
_cell.length_b   63.689
_cell.length_c   100.060
_cell.angle_alpha   90.000
_cell.angle_beta   114.352
_cell.angle_gamma   90.000
#
_symmetry.space_group_name_H-M   'I 1 2 1'
#
loop_
_entity.id
_entity.type
_entity.pdbx_description
1 polymer 'Oligopeptide-binding protein OppA'
2 polymer 'Phosphatase RapE inhibitor'
3 non-polymer 'SULFATE ION'
4 water water
#
loop_
_entity_poly.entity_id
_entity_poly.type
_entity_poly.pdbx_seq_one_letter_code
_entity_poly.pdbx_strand_id
1 'polypeptide(L)'
;CGFGGSGSNGEGKKDSKGKTTLNINIKTEPFSLHPGLANDSVSGGVIRQTFEGLTRINADGEPEEGMASKIETSKDGKTY
TFTIRDGVKWSNGDPVTAQDFEYAWKWALDPNNESQYAYQLYYIKGAEAANTGKGSLDDVAVKAVNDKTLKVELNNPTPY
FTELTAFYTYMPINKKIAEKNKKWNTNAGDDYVSNGPFKMTAWKHSGSITLEKNDQYWDKDKVKLKKIDMVMINNNNTEL
KKFQAGELDWAGMPLGQLPTESLPTLKKDGSLHVEPIAGVYWYKFNTEAKPLDNVNIRKALTYSLDRQSIVKNVTQGEQI
PAMAAVPPTMKGFEDNKEGYFKDNDVKTAKEYLEKGLKEMGLSKASDLPKIKLSYNTDDAHAKIAQAVQEMWKKNLGVDV
ELDNSEWNVYIDKLHSQDYQIGRMGWLGDFNDPINFLELFRDKNGGNNDTGWENPEFKKLLNQSQTETDKTKRAELLKKA
EGIFIDEMPVAPIYFYTDTWVQDENLKGVIMPGTGEVYFRNAYFK
;
A
2 'polypeptide(L)' SRNVT B
#
# COMPACT_ATOMS: atom_id res chain seq x y z
N GLY A 18 -23.76 -14.73 19.68
CA GLY A 18 -22.48 -14.28 19.09
C GLY A 18 -22.18 -12.83 19.43
N LYS A 19 -20.97 -12.51 19.89
CA LYS A 19 -20.68 -11.15 20.33
C LYS A 19 -20.57 -10.21 19.12
N THR A 20 -20.68 -8.90 19.37
CA THR A 20 -20.79 -7.90 18.32
C THR A 20 -19.68 -6.86 18.44
N THR A 21 -18.70 -7.15 19.30
CA THR A 21 -17.49 -6.36 19.35
C THR A 21 -16.35 -7.19 18.79
N LEU A 22 -15.49 -6.56 17.99
CA LEU A 22 -14.31 -7.17 17.42
C LEU A 22 -13.07 -6.42 17.92
N ASN A 23 -12.16 -7.17 18.56
CA ASN A 23 -10.94 -6.63 19.14
C ASN A 23 -9.75 -7.07 18.30
N ILE A 24 -9.01 -6.08 17.77
CA ILE A 24 -7.87 -6.33 16.90
C ILE A 24 -6.77 -5.31 17.21
N ASN A 25 -5.54 -5.65 16.83
CA ASN A 25 -4.38 -4.78 16.89
C ASN A 25 -4.16 -4.17 15.50
N ILE A 26 -3.88 -2.85 15.48
CA ILE A 26 -3.41 -2.19 14.28
C ILE A 26 -1.97 -1.71 14.51
N LYS A 27 -1.37 -2.12 15.64
CA LYS A 27 0.06 -1.92 15.93
C LYS A 27 0.47 -0.50 16.27
N THR A 28 -0.01 0.52 15.54
CA THR A 28 0.66 1.82 15.56
C THR A 28 -0.28 2.95 15.10
N GLU A 29 0.13 4.22 15.35
CA GLU A 29 -0.64 5.40 14.96
C GLU A 29 -0.66 5.51 13.44
N PRO A 30 -1.85 5.64 12.82
CA PRO A 30 -1.95 5.90 11.39
C PRO A 30 -1.12 7.08 10.92
N PHE A 31 -0.73 7.05 9.63
CA PHE A 31 -0.09 8.18 8.97
C PHE A 31 -1.11 9.32 8.83
N SER A 32 -2.30 9.00 8.30
CA SER A 32 -3.38 9.96 8.24
C SER A 32 -4.74 9.27 8.12
N LEU A 33 -5.76 9.85 8.75
CA LEU A 33 -7.11 9.35 8.56
C LEU A 33 -7.91 10.31 7.67
N HIS A 34 -7.21 11.26 7.01
CA HIS A 34 -7.69 11.89 5.79
C HIS A 34 -7.51 10.90 4.65
N PRO A 35 -8.59 10.45 3.96
CA PRO A 35 -8.45 9.50 2.86
C PRO A 35 -7.57 9.97 1.70
N GLY A 36 -7.30 11.28 1.61
CA GLY A 36 -6.49 11.88 0.56
C GLY A 36 -5.00 11.98 0.93
N LEU A 37 -4.63 11.72 2.20
CA LEU A 37 -3.24 11.66 2.63
C LEU A 37 -2.80 10.22 2.94
N ALA A 38 -3.73 9.39 3.41
CA ALA A 38 -3.42 7.98 3.68
C ALA A 38 -2.66 7.36 2.50
N ASN A 39 -1.61 6.59 2.80
CA ASN A 39 -0.85 5.90 1.76
C ASN A 39 -0.27 4.57 2.27
N ASP A 40 -0.90 4.00 3.30
CA ASP A 40 -0.31 2.91 4.07
C ASP A 40 -1.40 2.00 4.61
N SER A 41 -0.99 0.77 4.99
CA SER A 41 -1.85 -0.30 5.45
C SER A 41 -2.55 0.01 6.78
N VAL A 42 -1.91 0.80 7.66
CA VAL A 42 -2.45 1.14 8.97
C VAL A 42 -3.63 2.10 8.78
N SER A 43 -3.33 3.25 8.17
CA SER A 43 -4.33 4.22 7.76
C SER A 43 -5.49 3.55 7.03
N GLY A 44 -5.15 2.86 5.93
CA GLY A 44 -6.10 2.15 5.07
C GLY A 44 -6.91 1.13 5.85
N GLY A 45 -6.28 0.49 6.84
CA GLY A 45 -7.00 -0.48 7.65
C GLY A 45 -8.20 0.16 8.36
N VAL A 46 -8.02 1.42 8.77
CA VAL A 46 -9.09 2.14 9.45
C VAL A 46 -10.10 2.69 8.42
N ILE A 47 -9.60 3.52 7.51
CA ILE A 47 -10.42 4.21 6.54
C ILE A 47 -11.26 3.21 5.76
N ARG A 48 -10.70 2.02 5.47
CA ARG A 48 -11.41 1.02 4.71
C ARG A 48 -12.65 0.55 5.47
N GLN A 49 -12.74 0.83 6.77
CA GLN A 49 -13.93 0.46 7.53
C GLN A 49 -14.90 1.64 7.61
N THR A 50 -14.36 2.86 7.55
CA THR A 50 -15.13 4.04 7.95
C THR A 50 -15.64 4.85 6.76
N PHE A 51 -14.99 4.73 5.58
CA PHE A 51 -15.48 5.37 4.36
C PHE A 51 -15.86 4.35 3.32
N GLU A 52 -16.66 4.79 2.35
CA GLU A 52 -16.99 3.97 1.21
C GLU A 52 -17.00 4.83 -0.05
N GLY A 53 -16.46 4.24 -1.11
CA GLY A 53 -16.31 4.95 -2.37
C GLY A 53 -17.54 4.75 -3.25
N LEU A 54 -17.39 5.19 -4.50
CA LEU A 54 -18.39 5.01 -5.54
C LEU A 54 -18.67 3.52 -5.73
N THR A 55 -17.62 2.72 -5.56
CA THR A 55 -17.68 1.27 -5.58
C THR A 55 -17.00 0.72 -4.32
N ARG A 56 -17.31 -0.55 -4.01
CA ARG A 56 -16.65 -1.28 -2.95
C ARG A 56 -16.32 -2.67 -3.47
N ILE A 57 -15.50 -3.40 -2.70
CA ILE A 57 -15.05 -4.74 -3.04
C ILE A 57 -15.98 -5.77 -2.39
N ASN A 58 -16.54 -6.68 -3.19
CA ASN A 58 -17.40 -7.71 -2.61
C ASN A 58 -16.54 -8.92 -2.21
N ALA A 59 -17.18 -9.96 -1.65
CA ALA A 59 -16.47 -11.10 -1.08
C ALA A 59 -15.54 -11.75 -2.11
N ASP A 60 -15.97 -11.75 -3.38
CA ASP A 60 -15.19 -12.38 -4.44
C ASP A 60 -14.09 -11.44 -4.95
N GLY A 61 -13.82 -10.33 -4.24
CA GLY A 61 -12.70 -9.46 -4.57
C GLY A 61 -12.92 -8.60 -5.82
N GLU A 62 -14.18 -8.56 -6.31
CA GLU A 62 -14.58 -7.77 -7.46
C GLU A 62 -15.25 -6.47 -6.98
N PRO A 63 -15.12 -5.37 -7.74
CA PRO A 63 -15.87 -4.14 -7.48
C PRO A 63 -17.37 -4.33 -7.68
N GLU A 64 -18.15 -3.70 -6.78
CA GLU A 64 -19.60 -3.62 -6.92
C GLU A 64 -20.02 -2.22 -6.47
N GLU A 65 -21.27 -1.86 -6.78
CA GLU A 65 -21.83 -0.55 -6.46
C GLU A 65 -21.72 -0.27 -4.97
N GLY A 66 -21.22 0.92 -4.61
CA GLY A 66 -21.21 1.42 -3.25
C GLY A 66 -22.06 2.70 -3.11
N MET A 67 -21.40 3.87 -3.07
CA MET A 67 -22.13 5.13 -3.06
C MET A 67 -22.81 5.38 -4.41
N ALA A 68 -22.31 4.73 -5.47
CA ALA A 68 -22.98 4.81 -6.76
C ALA A 68 -23.89 3.61 -6.97
N SER A 69 -25.19 3.86 -7.23
CA SER A 69 -26.18 2.80 -7.43
C SER A 69 -26.17 2.33 -8.89
N LYS A 70 -25.60 3.18 -9.78
CA LYS A 70 -25.42 2.84 -11.18
C LYS A 70 -24.16 3.50 -11.71
N ILE A 71 -23.53 2.77 -12.62
CA ILE A 71 -22.28 3.18 -13.26
C ILE A 71 -22.43 2.96 -14.76
N GLU A 72 -22.21 4.04 -15.51
CA GLU A 72 -22.31 4.01 -16.96
C GLU A 72 -20.97 4.47 -17.53
N THR A 73 -20.52 3.75 -18.56
CA THR A 73 -19.28 4.05 -19.25
C THR A 73 -19.64 4.39 -20.70
N SER A 74 -19.05 5.47 -21.21
CA SER A 74 -19.26 5.86 -22.60
C SER A 74 -18.82 4.76 -23.55
N LYS A 75 -19.29 4.84 -24.81
CA LYS A 75 -18.90 3.93 -25.86
C LYS A 75 -17.38 3.89 -26.03
N ASP A 76 -16.71 5.03 -25.84
CA ASP A 76 -15.28 5.06 -26.10
C ASP A 76 -14.50 4.60 -24.85
N GLY A 77 -15.21 4.30 -23.77
CA GLY A 77 -14.63 3.75 -22.56
C GLY A 77 -13.97 4.79 -21.65
N LYS A 78 -14.00 6.06 -22.04
CA LYS A 78 -13.23 7.06 -21.32
C LYS A 78 -14.07 7.82 -20.30
N THR A 79 -15.40 7.86 -20.49
CA THR A 79 -16.25 8.70 -19.62
C THR A 79 -17.12 7.83 -18.74
N TYR A 80 -16.94 7.96 -17.42
CA TYR A 80 -17.78 7.28 -16.45
C TYR A 80 -18.77 8.27 -15.86
N THR A 81 -20.04 7.85 -15.83
CA THR A 81 -21.10 8.61 -15.20
C THR A 81 -21.64 7.82 -14.03
N PHE A 82 -21.40 8.32 -12.81
CA PHE A 82 -21.85 7.69 -11.58
C PHE A 82 -23.17 8.32 -11.10
N THR A 83 -24.20 7.49 -10.93
CA THR A 83 -25.41 7.89 -10.22
C THR A 83 -25.28 7.58 -8.73
N ILE A 84 -25.35 8.64 -7.92
CA ILE A 84 -25.26 8.56 -6.47
C ILE A 84 -26.56 7.97 -5.95
N ARG A 85 -26.42 6.88 -5.18
CA ARG A 85 -27.53 6.15 -4.63
C ARG A 85 -28.45 7.12 -3.91
N ASP A 86 -29.77 6.90 -4.03
CA ASP A 86 -30.76 7.58 -3.22
C ASP A 86 -30.46 7.42 -1.73
N GLY A 87 -30.44 8.55 -0.99
CA GLY A 87 -30.57 8.55 0.45
C GLY A 87 -29.25 8.34 1.20
N VAL A 88 -28.14 8.20 0.49
CA VAL A 88 -26.89 7.92 1.15
C VAL A 88 -26.49 9.13 2.00
N LYS A 89 -25.88 8.88 3.17
CA LYS A 89 -25.66 9.95 4.13
C LYS A 89 -24.31 9.78 4.80
N TRP A 90 -23.76 10.88 5.31
CA TRP A 90 -22.65 10.83 6.24
C TRP A 90 -23.17 10.41 7.62
N SER A 91 -22.24 10.15 8.54
CA SER A 91 -22.59 9.69 9.88
C SER A 91 -23.27 10.79 10.71
N ASN A 92 -23.21 12.06 10.30
CA ASN A 92 -23.96 13.13 10.94
C ASN A 92 -25.34 13.34 10.30
N GLY A 93 -25.76 12.48 9.37
CA GLY A 93 -27.05 12.62 8.68
C GLY A 93 -26.99 13.36 7.34
N ASP A 94 -26.02 14.27 7.14
CA ASP A 94 -25.94 15.03 5.89
C ASP A 94 -25.90 14.09 4.69
N PRO A 95 -26.55 14.42 3.55
CA PRO A 95 -26.45 13.60 2.35
C PRO A 95 -25.01 13.53 1.83
N VAL A 96 -24.65 12.38 1.25
CA VAL A 96 -23.45 12.28 0.43
C VAL A 96 -23.80 12.72 -0.99
N THR A 97 -23.03 13.69 -1.53
CA THR A 97 -23.36 14.22 -2.84
C THR A 97 -22.16 14.08 -3.77
N ALA A 98 -22.44 14.19 -5.07
CA ALA A 98 -21.41 14.17 -6.08
C ALA A 98 -20.37 15.26 -5.75
N GLN A 99 -20.83 16.37 -5.16
CA GLN A 99 -19.93 17.45 -4.85
C GLN A 99 -18.85 16.99 -3.86
N ASP A 100 -19.19 16.09 -2.92
CA ASP A 100 -18.24 15.65 -1.90
C ASP A 100 -17.06 14.92 -2.57
N PHE A 101 -17.40 14.13 -3.58
CA PHE A 101 -16.40 13.40 -4.34
C PHE A 101 -15.50 14.36 -5.10
N GLU A 102 -16.14 15.27 -5.85
CA GLU A 102 -15.44 16.27 -6.64
C GLU A 102 -14.40 16.97 -5.78
N TYR A 103 -14.80 17.39 -4.57
CA TYR A 103 -13.96 18.15 -3.67
C TYR A 103 -12.81 17.27 -3.14
N ALA A 104 -13.12 16.05 -2.67
CA ALA A 104 -12.10 15.11 -2.22
C ALA A 104 -11.00 14.94 -3.27
N TRP A 105 -11.40 14.63 -4.51
CA TRP A 105 -10.45 14.23 -5.55
C TRP A 105 -9.56 15.41 -5.94
N LYS A 106 -10.16 16.60 -6.00
CA LYS A 106 -9.40 17.80 -6.31
C LYS A 106 -8.55 18.18 -5.12
N TRP A 107 -8.99 17.84 -3.91
CA TRP A 107 -8.20 18.17 -2.74
C TRP A 107 -6.87 17.40 -2.81
N ALA A 108 -6.96 16.10 -3.11
CA ALA A 108 -5.82 15.20 -3.18
C ALA A 108 -4.83 15.60 -4.27
N LEU A 109 -5.34 16.19 -5.36
CA LEU A 109 -4.52 16.60 -6.48
C LEU A 109 -3.89 17.96 -6.26
N ASP A 110 -4.42 18.74 -5.32
CA ASP A 110 -3.87 20.06 -5.07
C ASP A 110 -2.47 19.88 -4.48
N PRO A 111 -1.40 20.36 -5.18
CA PRO A 111 -0.03 20.12 -4.73
C PRO A 111 0.25 20.67 -3.34
N ASN A 112 -0.47 21.73 -2.97
CA ASN A 112 -0.37 22.28 -1.63
C ASN A 112 -0.74 21.28 -0.55
N ASN A 113 -1.60 20.32 -0.84
CA ASN A 113 -2.03 19.35 0.16
C ASN A 113 -1.08 18.15 0.25
N GLU A 114 -0.19 17.97 -0.74
CA GLU A 114 0.95 17.08 -0.61
C GLU A 114 0.53 15.64 -0.34
N SER A 115 -0.55 15.20 -1.00
CA SER A 115 -0.87 13.79 -1.09
C SER A 115 0.21 12.97 -1.81
N GLN A 116 0.69 11.93 -1.13
CA GLN A 116 1.65 10.99 -1.72
C GLN A 116 0.97 10.08 -2.75
N TYR A 117 -0.37 10.08 -2.78
CA TYR A 117 -1.11 9.28 -3.75
C TYR A 117 -1.82 10.11 -4.82
N ALA A 118 -1.38 11.33 -5.09
CA ALA A 118 -2.01 12.14 -6.13
C ALA A 118 -1.94 11.42 -7.48
N TYR A 119 -0.82 10.73 -7.72
CA TYR A 119 -0.60 10.08 -9.01
C TYR A 119 -1.66 9.01 -9.25
N GLN A 120 -2.32 8.56 -8.17
CA GLN A 120 -3.38 7.56 -8.29
C GLN A 120 -4.56 8.12 -9.07
N LEU A 121 -4.65 9.46 -9.11
CA LEU A 121 -5.76 10.12 -9.77
C LEU A 121 -5.37 10.65 -11.16
N TYR A 122 -4.13 10.42 -11.59
CA TYR A 122 -3.67 10.83 -12.91
C TYR A 122 -4.43 10.15 -14.06
N TYR A 123 -5.16 9.06 -13.78
CA TYR A 123 -6.04 8.44 -14.77
C TYR A 123 -7.13 9.39 -15.27
N ILE A 124 -7.43 10.42 -14.48
CA ILE A 124 -8.44 11.37 -14.87
C ILE A 124 -7.76 12.45 -15.69
N LYS A 125 -8.46 12.90 -16.74
CA LYS A 125 -7.90 13.91 -17.61
C LYS A 125 -7.65 15.19 -16.83
N GLY A 126 -6.47 15.80 -17.05
CA GLY A 126 -6.13 17.08 -16.44
C GLY A 126 -5.59 16.93 -15.02
N ALA A 127 -5.69 15.70 -14.49
CA ALA A 127 -5.24 15.45 -13.13
C ALA A 127 -3.75 15.71 -13.00
N GLU A 128 -2.95 15.19 -13.95
CA GLU A 128 -1.51 15.35 -13.77
C GLU A 128 -1.09 16.81 -13.89
N ALA A 129 -1.65 17.52 -14.89
CA ALA A 129 -1.36 18.94 -15.10
C ALA A 129 -1.61 19.75 -13.83
N ALA A 130 -2.78 19.54 -13.22
CA ALA A 130 -3.17 20.29 -12.02
C ALA A 130 -2.17 20.05 -10.89
N ASN A 131 -1.84 18.77 -10.66
CA ASN A 131 -0.97 18.36 -9.58
C ASN A 131 0.45 18.88 -9.78
N THR A 132 0.90 19.03 -11.03
CA THR A 132 2.30 19.36 -11.29
C THR A 132 2.46 20.87 -11.45
N GLY A 133 1.33 21.59 -11.51
CA GLY A 133 1.33 23.04 -11.57
C GLY A 133 1.17 23.57 -12.99
N LYS A 134 0.82 22.70 -13.93
CA LYS A 134 0.81 23.03 -15.35
C LYS A 134 -0.64 23.14 -15.84
N GLY A 135 -1.55 23.43 -14.93
CA GLY A 135 -2.96 23.36 -15.28
C GLY A 135 -3.85 23.68 -14.09
N SER A 136 -5.12 23.95 -14.38
CA SER A 136 -6.06 24.39 -13.36
C SER A 136 -6.77 23.16 -12.83
N LEU A 137 -6.99 23.14 -11.51
CA LEU A 137 -7.85 22.16 -10.86
C LEU A 137 -9.24 22.18 -11.48
N ASP A 138 -9.66 23.33 -12.03
CA ASP A 138 -10.98 23.41 -12.65
C ASP A 138 -11.05 22.45 -13.83
N ASP A 139 -9.90 22.21 -14.48
CA ASP A 139 -9.85 21.43 -15.71
C ASP A 139 -9.57 19.95 -15.45
N VAL A 140 -9.58 19.52 -14.18
CA VAL A 140 -9.61 18.09 -13.86
C VAL A 140 -11.01 17.58 -14.17
N ALA A 141 -11.15 16.58 -15.04
CA ALA A 141 -12.47 16.19 -15.51
C ALA A 141 -13.16 15.23 -14.53
N VAL A 142 -13.35 15.69 -13.28
CA VAL A 142 -14.38 15.20 -12.38
C VAL A 142 -15.34 16.35 -12.09
N LYS A 143 -16.63 16.10 -12.34
CA LYS A 143 -17.65 17.15 -12.34
C LYS A 143 -18.91 16.66 -11.63
N ALA A 144 -19.24 17.28 -10.50
CA ALA A 144 -20.56 17.13 -9.89
C ALA A 144 -21.62 17.77 -10.78
N VAL A 145 -22.17 17.00 -11.74
CA VAL A 145 -23.13 17.57 -12.67
C VAL A 145 -24.34 18.07 -11.90
N ASN A 146 -24.85 17.23 -11.01
CA ASN A 146 -25.83 17.63 -10.01
C ASN A 146 -25.51 16.83 -8.76
N ASP A 147 -26.33 16.96 -7.72
CA ASP A 147 -26.07 16.35 -6.42
C ASP A 147 -25.94 14.85 -6.56
N LYS A 148 -26.63 14.26 -7.55
CA LYS A 148 -26.68 12.81 -7.66
C LYS A 148 -26.00 12.26 -8.92
N THR A 149 -25.09 13.04 -9.53
CA THR A 149 -24.47 12.66 -10.78
C THR A 149 -23.02 13.11 -10.77
N LEU A 150 -22.09 12.14 -10.79
CA LEU A 150 -20.68 12.47 -10.94
C LEU A 150 -20.19 12.01 -12.31
N LYS A 151 -19.57 12.93 -13.06
CA LYS A 151 -19.10 12.66 -14.41
C LYS A 151 -17.56 12.75 -14.44
N VAL A 152 -16.94 11.68 -14.94
CA VAL A 152 -15.50 11.51 -14.89
C VAL A 152 -15.02 11.06 -16.27
N GLU A 153 -14.02 11.78 -16.78
CA GLU A 153 -13.41 11.49 -18.05
C GLU A 153 -11.96 11.10 -17.82
N LEU A 154 -11.58 9.92 -18.33
CA LEU A 154 -10.24 9.40 -18.15
C LEU A 154 -9.41 9.72 -19.39
N ASN A 155 -8.09 9.67 -19.25
CA ASN A 155 -7.21 9.85 -20.40
C ASN A 155 -7.40 8.70 -21.40
N ASN A 156 -7.63 7.47 -20.91
CA ASN A 156 -7.76 6.27 -21.73
C ASN A 156 -8.73 5.28 -21.10
N PRO A 157 -9.35 4.40 -21.90
CA PRO A 157 -10.15 3.32 -21.33
C PRO A 157 -9.25 2.64 -20.31
N THR A 158 -9.84 2.39 -19.13
CA THR A 158 -9.13 1.85 -17.99
C THR A 158 -10.06 0.82 -17.36
N PRO A 159 -9.85 -0.48 -17.65
CA PRO A 159 -10.82 -1.49 -17.27
C PRO A 159 -10.88 -1.74 -15.76
N TYR A 160 -9.87 -1.26 -15.02
CA TYR A 160 -9.86 -1.37 -13.57
C TYR A 160 -10.27 -0.06 -12.89
N PHE A 161 -10.96 0.86 -13.58
CA PHE A 161 -11.27 2.12 -12.93
C PHE A 161 -12.22 1.91 -11.74
N THR A 162 -13.15 0.95 -11.84
CA THR A 162 -14.03 0.70 -10.72
C THR A 162 -13.28 0.03 -9.56
N GLU A 163 -12.02 -0.38 -9.78
CA GLU A 163 -11.16 -0.81 -8.68
C GLU A 163 -10.55 0.43 -8.02
N LEU A 164 -10.13 1.39 -8.85
CA LEU A 164 -9.56 2.62 -8.34
C LEU A 164 -10.56 3.41 -7.48
N THR A 165 -11.86 3.39 -7.84
CA THR A 165 -12.89 4.15 -7.16
C THR A 165 -13.25 3.51 -5.81
N ALA A 166 -12.89 2.22 -5.64
CA ALA A 166 -12.97 1.53 -4.37
C ALA A 166 -11.74 1.80 -3.49
N PHE A 167 -10.65 2.35 -4.07
CA PHE A 167 -9.41 2.58 -3.35
C PHE A 167 -9.55 3.89 -2.58
N TYR A 168 -8.85 4.01 -1.45
N TYR A 168 -8.85 4.01 -1.45
CA TYR A 168 -9.21 4.99 -0.44
CA TYR A 168 -9.22 5.00 -0.43
C TYR A 168 -8.86 6.43 -0.86
C TYR A 168 -8.86 6.43 -0.86
N THR A 169 -7.97 6.61 -1.84
CA THR A 169 -7.70 7.95 -2.37
C THR A 169 -8.96 8.51 -3.06
N TYR A 170 -9.86 7.64 -3.53
CA TYR A 170 -11.08 8.04 -4.22
C TYR A 170 -12.29 8.09 -3.26
N MET A 171 -12.04 8.05 -1.95
CA MET A 171 -13.10 8.23 -0.96
C MET A 171 -13.62 9.66 -1.04
N PRO A 172 -14.93 9.88 -0.73
CA PRO A 172 -15.47 11.24 -0.56
C PRO A 172 -15.04 11.71 0.82
N ILE A 173 -14.97 13.04 1.01
CA ILE A 173 -14.87 13.62 2.34
C ILE A 173 -16.02 14.62 2.45
N ASN A 174 -16.43 14.96 3.69
CA ASN A 174 -17.52 15.92 3.88
C ASN A 174 -16.98 17.31 3.53
N LYS A 175 -17.38 17.81 2.36
CA LYS A 175 -16.86 19.09 1.87
C LYS A 175 -17.15 20.22 2.85
N LYS A 176 -18.39 20.31 3.33
CA LYS A 176 -18.77 21.43 4.17
C LYS A 176 -17.84 21.55 5.38
N ILE A 177 -17.60 20.42 6.05
CA ILE A 177 -16.81 20.39 7.28
C ILE A 177 -15.34 20.61 6.94
N ALA A 178 -14.87 20.09 5.80
CA ALA A 178 -13.49 20.23 5.40
C ALA A 178 -13.16 21.70 5.11
N GLU A 179 -14.11 22.42 4.49
CA GLU A 179 -13.93 23.85 4.19
C GLU A 179 -13.95 24.65 5.50
N LYS A 180 -14.77 24.22 6.47
CA LYS A 180 -14.84 24.90 7.76
C LYS A 180 -13.57 24.70 8.59
N ASN A 181 -13.12 23.45 8.71
CA ASN A 181 -12.05 23.02 9.61
C ASN A 181 -11.01 22.23 8.81
N LYS A 182 -9.92 22.92 8.42
CA LYS A 182 -8.85 22.38 7.58
C LYS A 182 -8.17 21.17 8.26
N LYS A 183 -8.40 20.97 9.57
CA LYS A 183 -7.78 19.90 10.34
C LYS A 183 -8.81 18.89 10.87
N TRP A 184 -9.94 18.75 10.16
CA TRP A 184 -11.04 17.89 10.57
C TRP A 184 -10.59 16.45 10.81
N ASN A 185 -9.63 16.01 9.99
CA ASN A 185 -9.20 14.62 9.94
C ASN A 185 -8.29 14.22 11.12
N THR A 186 -7.80 15.19 11.91
CA THR A 186 -6.73 14.92 12.87
C THR A 186 -7.26 14.43 14.23
N ASN A 187 -8.58 14.43 14.44
CA ASN A 187 -9.14 13.98 15.70
C ASN A 187 -10.53 13.41 15.46
N ALA A 188 -10.87 12.41 16.27
CA ALA A 188 -12.26 11.99 16.40
C ALA A 188 -13.03 13.17 16.95
N GLY A 189 -14.34 13.21 16.64
CA GLY A 189 -15.20 14.26 17.14
C GLY A 189 -16.25 14.68 16.11
N ASP A 190 -16.92 15.81 16.40
CA ASP A 190 -18.06 16.28 15.61
C ASP A 190 -17.60 16.64 14.21
N ASP A 191 -16.32 17.02 14.07
CA ASP A 191 -15.75 17.44 12.79
C ASP A 191 -15.24 16.24 11.98
N TYR A 192 -15.23 15.02 12.57
CA TYR A 192 -14.82 13.84 11.83
C TYR A 192 -16.06 13.01 11.47
N VAL A 193 -16.49 13.09 10.20
CA VAL A 193 -17.66 12.33 9.77
C VAL A 193 -17.30 11.49 8.56
N SER A 194 -18.01 10.36 8.38
CA SER A 194 -17.62 9.39 7.37
C SER A 194 -18.87 8.65 6.89
N ASN A 195 -18.76 7.88 5.80
CA ASN A 195 -19.95 7.40 5.08
C ASN A 195 -19.97 5.88 4.97
N GLY A 196 -19.03 5.21 5.68
CA GLY A 196 -18.82 3.78 5.54
C GLY A 196 -19.63 3.00 6.56
N PRO A 197 -19.53 1.64 6.56
CA PRO A 197 -20.37 0.82 7.45
C PRO A 197 -20.12 1.11 8.93
N PHE A 198 -18.89 1.56 9.28
CA PHE A 198 -18.58 2.04 10.62
C PHE A 198 -18.22 3.53 10.60
N LYS A 199 -18.23 4.12 11.80
CA LYS A 199 -17.73 5.47 12.06
C LYS A 199 -16.77 5.46 13.23
N MET A 200 -15.86 6.41 13.24
CA MET A 200 -14.82 6.42 14.24
C MET A 200 -15.33 7.30 15.38
N THR A 201 -15.55 6.69 16.55
CA THR A 201 -16.13 7.40 17.69
C THR A 201 -15.05 7.74 18.71
N ALA A 202 -13.86 7.17 18.58
CA ALA A 202 -12.79 7.64 19.44
C ALA A 202 -11.48 7.32 18.77
N TRP A 203 -10.51 8.17 19.10
CA TRP A 203 -9.15 8.05 18.61
C TRP A 203 -8.20 8.67 19.64
N LYS A 204 -7.65 7.87 20.56
CA LYS A 204 -6.57 8.33 21.43
C LYS A 204 -5.28 8.11 20.66
N HIS A 205 -4.57 9.20 20.37
CA HIS A 205 -3.38 9.15 19.55
C HIS A 205 -2.37 8.22 20.23
N SER A 206 -1.84 7.30 19.44
CA SER A 206 -0.80 6.37 19.86
C SER A 206 -1.33 5.33 20.85
N GLY A 207 -2.64 5.36 21.17
CA GLY A 207 -3.27 4.46 22.11
C GLY A 207 -4.26 3.53 21.42
N SER A 208 -5.25 4.08 20.73
CA SER A 208 -6.28 3.25 20.10
C SER A 208 -7.34 4.10 19.42
N ILE A 209 -8.18 3.37 18.68
CA ILE A 209 -9.29 3.89 17.93
C ILE A 209 -10.47 2.94 18.17
N THR A 210 -11.66 3.53 18.35
CA THR A 210 -12.91 2.78 18.47
C THR A 210 -13.80 3.13 17.29
N LEU A 211 -14.33 2.10 16.62
CA LEU A 211 -15.28 2.30 15.54
C LEU A 211 -16.59 1.69 15.97
N GLU A 212 -17.70 2.29 15.52
CA GLU A 212 -19.00 1.74 15.83
C GLU A 212 -19.81 1.70 14.55
N LYS A 213 -20.73 0.75 14.53
CA LYS A 213 -21.61 0.61 13.40
C LYS A 213 -22.22 1.97 13.11
N ASN A 214 -22.31 2.33 11.83
CA ASN A 214 -22.83 3.62 11.38
C ASN A 214 -24.30 3.44 10.98
N ASP A 215 -25.19 4.06 11.75
CA ASP A 215 -26.63 3.85 11.61
C ASP A 215 -27.17 4.61 10.40
N GLN A 216 -26.33 5.46 9.76
CA GLN A 216 -26.70 6.25 8.60
C GLN A 216 -26.27 5.57 7.28
N TYR A 217 -25.49 4.49 7.37
CA TYR A 217 -24.98 3.79 6.19
C TYR A 217 -26.13 3.03 5.51
N TRP A 218 -26.23 3.20 4.19
CA TRP A 218 -27.33 2.67 3.41
C TRP A 218 -27.51 1.17 3.57
N ASP A 219 -26.40 0.42 3.74
CA ASP A 219 -26.45 -1.03 3.74
C ASP A 219 -26.25 -1.55 5.16
N LYS A 220 -26.67 -0.77 6.15
CA LYS A 220 -26.40 -1.08 7.55
C LYS A 220 -27.07 -2.40 7.97
N ASP A 221 -28.19 -2.75 7.35
CA ASP A 221 -28.84 -3.99 7.69
C ASP A 221 -27.90 -5.21 7.47
N LYS A 222 -26.84 -5.11 6.64
CA LYS A 222 -25.95 -6.25 6.39
C LYS A 222 -24.67 -6.18 7.24
N VAL A 223 -24.57 -5.19 8.12
CA VAL A 223 -23.42 -4.99 8.99
C VAL A 223 -23.81 -5.61 10.33
N LYS A 224 -22.95 -6.48 10.87
CA LYS A 224 -23.31 -7.27 12.05
C LYS A 224 -22.56 -6.75 13.29
N LEU A 225 -21.30 -6.39 13.13
CA LEU A 225 -20.55 -5.85 14.26
C LEU A 225 -21.12 -4.48 14.63
N LYS A 226 -21.11 -4.18 15.93
CA LYS A 226 -21.52 -2.89 16.46
C LYS A 226 -20.29 -2.07 16.84
N LYS A 227 -19.19 -2.74 17.16
CA LYS A 227 -17.99 -2.05 17.60
C LYS A 227 -16.75 -2.85 17.21
N ILE A 228 -15.69 -2.10 16.89
CA ILE A 228 -14.37 -2.60 16.57
C ILE A 228 -13.41 -1.78 17.41
N ASP A 229 -12.76 -2.41 18.38
CA ASP A 229 -11.71 -1.76 19.13
C ASP A 229 -10.36 -2.10 18.51
N MET A 230 -9.66 -1.07 18.03
CA MET A 230 -8.36 -1.24 17.43
C MET A 230 -7.31 -0.71 18.41
N VAL A 231 -6.46 -1.60 18.94
CA VAL A 231 -5.43 -1.19 19.86
C VAL A 231 -4.16 -0.91 19.08
N MET A 232 -3.13 -0.36 19.73
CA MET A 232 -1.90 -0.03 19.05
C MET A 232 -0.71 -0.61 19.80
N ILE A 233 -0.56 -1.93 19.65
CA ILE A 233 0.52 -2.67 20.27
C ILE A 233 1.55 -3.05 19.20
N ASN A 234 2.68 -2.35 19.22
CA ASN A 234 3.77 -2.68 18.34
C ASN A 234 4.71 -3.68 19.03
N ASN A 235 4.16 -4.87 19.33
CA ASN A 235 4.91 -5.93 20.00
C ASN A 235 4.19 -7.23 19.66
N ASN A 236 4.83 -8.01 18.78
CA ASN A 236 4.24 -9.21 18.18
C ASN A 236 3.94 -10.23 19.27
N ASN A 237 4.84 -10.34 20.25
CA ASN A 237 4.65 -11.29 21.34
C ASN A 237 3.37 -10.99 22.11
N THR A 238 3.18 -9.70 22.43
CA THR A 238 2.09 -9.24 23.28
C THR A 238 0.75 -9.41 22.59
N GLU A 239 0.70 -9.06 21.30
CA GLU A 239 -0.46 -9.32 20.45
C GLU A 239 -0.92 -10.77 20.60
N LEU A 240 0.02 -11.73 20.57
CA LEU A 240 -0.36 -13.14 20.64
C LEU A 240 -0.81 -13.52 22.05
N LYS A 241 -0.17 -12.95 23.06
CA LYS A 241 -0.61 -13.15 24.43
C LYS A 241 -2.03 -12.65 24.58
N LYS A 242 -2.31 -11.46 24.04
CA LYS A 242 -3.64 -10.90 24.24
C LYS A 242 -4.62 -11.83 23.55
N PHE A 243 -4.23 -12.35 22.38
CA PHE A 243 -5.10 -13.23 21.63
C PHE A 243 -5.35 -14.53 22.40
N GLN A 244 -4.29 -15.04 23.04
CA GLN A 244 -4.35 -16.31 23.74
C GLN A 244 -5.19 -16.15 24.99
N ALA A 245 -5.21 -14.91 25.53
CA ALA A 245 -6.02 -14.54 26.70
C ALA A 245 -7.50 -14.29 26.34
N GLY A 246 -7.85 -14.20 25.05
CA GLY A 246 -9.21 -13.97 24.59
C GLY A 246 -9.53 -12.49 24.40
N GLU A 247 -8.55 -11.62 24.67
CA GLU A 247 -8.76 -10.17 24.62
C GLU A 247 -8.59 -9.61 23.20
N LEU A 248 -8.07 -10.43 22.25
CA LEU A 248 -8.14 -10.13 20.82
C LEU A 248 -8.77 -11.31 20.12
N ASP A 249 -9.47 -11.02 19.01
CA ASP A 249 -10.13 -12.02 18.19
C ASP A 249 -9.31 -12.40 16.96
N TRP A 250 -8.12 -11.80 16.86
CA TRP A 250 -7.27 -11.92 15.68
C TRP A 250 -5.85 -11.69 16.18
N ALA A 251 -4.90 -12.46 15.67
CA ALA A 251 -3.50 -12.08 15.84
C ALA A 251 -2.76 -12.35 14.54
N GLY A 252 -2.26 -11.25 13.98
CA GLY A 252 -1.39 -11.27 12.82
C GLY A 252 -1.91 -10.30 11.76
N MET A 253 -1.54 -10.62 10.52
CA MET A 253 -1.78 -9.79 9.36
C MET A 253 -3.24 -9.94 8.91
N PRO A 254 -3.84 -8.98 8.17
CA PRO A 254 -3.13 -7.81 7.61
C PRO A 254 -2.79 -6.64 8.54
N LEU A 255 -3.54 -6.45 9.63
CA LEU A 255 -3.39 -5.26 10.45
C LEU A 255 -2.43 -5.46 11.63
N GLY A 256 -2.27 -6.72 12.08
CA GLY A 256 -1.33 -7.02 13.14
C GLY A 256 -0.20 -7.91 12.63
N GLN A 257 0.52 -8.55 13.56
CA GLN A 257 1.65 -9.40 13.21
C GLN A 257 1.89 -10.46 14.27
N LEU A 258 2.10 -11.69 13.82
CA LEU A 258 2.50 -12.78 14.70
C LEU A 258 4.01 -12.70 14.90
N PRO A 259 4.51 -13.08 16.10
CA PRO A 259 5.94 -13.22 16.33
C PRO A 259 6.44 -14.46 15.59
N THR A 260 7.60 -14.35 14.95
CA THR A 260 8.08 -15.37 14.03
C THR A 260 8.32 -16.70 14.77
N GLU A 261 8.84 -16.64 15.99
CA GLU A 261 9.13 -17.87 16.70
C GLU A 261 7.84 -18.68 16.98
N SER A 262 6.65 -18.11 16.79
CA SER A 262 5.42 -18.82 17.16
C SER A 262 4.81 -19.57 15.98
N LEU A 263 5.31 -19.31 14.76
CA LEU A 263 4.75 -19.85 13.53
C LEU A 263 4.97 -21.36 13.41
N PRO A 264 6.13 -21.94 13.82
CA PRO A 264 6.26 -23.39 13.97
C PRO A 264 5.08 -24.05 14.67
N THR A 265 4.81 -23.60 15.90
CA THR A 265 3.75 -24.15 16.72
C THR A 265 2.40 -24.02 16.04
N LEU A 266 2.11 -22.82 15.52
CA LEU A 266 0.79 -22.50 15.03
C LEU A 266 0.56 -23.18 13.68
N LYS A 267 1.66 -23.48 12.96
CA LYS A 267 1.52 -24.31 11.78
C LYS A 267 1.21 -25.75 12.23
N LYS A 268 1.87 -26.21 13.30
CA LYS A 268 1.82 -27.59 13.75
C LYS A 268 0.45 -27.93 14.37
N ASP A 269 -0.17 -26.97 15.06
CA ASP A 269 -1.48 -27.25 15.65
C ASP A 269 -2.59 -26.98 14.64
N GLY A 270 -2.24 -26.43 13.47
CA GLY A 270 -3.20 -26.30 12.38
C GLY A 270 -4.06 -25.05 12.53
N SER A 271 -3.68 -24.14 13.43
CA SER A 271 -4.45 -22.93 13.64
C SER A 271 -4.03 -21.83 12.66
N LEU A 272 -2.76 -21.83 12.23
CA LEU A 272 -2.20 -20.75 11.43
C LEU A 272 -2.80 -20.70 10.04
N HIS A 273 -3.28 -19.51 9.64
CA HIS A 273 -3.68 -19.25 8.26
C HIS A 273 -2.50 -18.60 7.53
N VAL A 274 -2.24 -19.07 6.30
CA VAL A 274 -1.14 -18.63 5.44
C VAL A 274 -1.69 -18.47 4.04
N GLU A 275 -1.55 -17.27 3.48
CA GLU A 275 -2.14 -16.91 2.19
C GLU A 275 -1.15 -16.08 1.41
N PRO A 276 -0.87 -16.44 0.14
CA PRO A 276 -0.01 -15.63 -0.71
C PRO A 276 -0.80 -14.39 -1.17
N ILE A 277 -0.14 -13.23 -1.18
CA ILE A 277 -0.83 -12.02 -1.60
C ILE A 277 0.02 -11.22 -2.60
N ALA A 278 -0.66 -10.39 -3.37
CA ALA A 278 -0.02 -9.46 -4.29
C ALA A 278 0.70 -8.38 -3.50
N GLY A 279 1.92 -8.69 -3.07
CA GLY A 279 2.74 -7.74 -2.34
C GLY A 279 4.22 -8.11 -2.41
N VAL A 280 5.09 -7.09 -2.28
CA VAL A 280 6.53 -7.27 -2.42
C VAL A 280 7.23 -6.54 -1.28
N TYR A 281 8.22 -7.21 -0.69
CA TYR A 281 9.05 -6.64 0.34
C TYR A 281 10.36 -6.26 -0.29
N TRP A 282 10.75 -4.97 -0.24
CA TRP A 282 11.95 -4.51 -0.94
C TRP A 282 12.72 -3.51 -0.09
N TYR A 283 14.01 -3.36 -0.42
CA TYR A 283 14.88 -2.35 0.17
C TYR A 283 15.06 -1.25 -0.89
N LYS A 284 14.46 -0.09 -0.61
CA LYS A 284 14.53 1.04 -1.51
C LYS A 284 15.89 1.72 -1.35
N PHE A 285 16.50 2.06 -2.49
CA PHE A 285 17.73 2.83 -2.50
C PHE A 285 17.42 4.28 -2.79
N ASN A 286 18.02 5.19 -2.02
CA ASN A 286 17.98 6.60 -2.39
C ASN A 286 19.07 6.84 -3.45
N THR A 287 18.67 6.85 -4.72
CA THR A 287 19.63 6.87 -5.82
C THR A 287 20.33 8.22 -5.91
N GLU A 288 19.94 9.17 -5.05
CA GLU A 288 20.59 10.48 -5.03
C GLU A 288 21.54 10.61 -3.85
N ALA A 289 21.77 9.52 -3.11
CA ALA A 289 22.62 9.59 -1.93
C ALA A 289 23.71 8.57 -2.10
N LYS A 290 24.95 9.05 -1.96
CA LYS A 290 26.14 8.25 -2.15
C LYS A 290 26.30 7.26 -1.01
N PRO A 291 26.69 6.00 -1.29
CA PRO A 291 27.08 5.58 -2.65
C PRO A 291 25.98 4.89 -3.45
N LEU A 292 24.70 5.12 -3.13
CA LEU A 292 23.62 4.40 -3.78
C LEU A 292 23.27 5.06 -5.12
N ASP A 293 23.95 6.16 -5.44
CA ASP A 293 23.79 6.81 -6.74
C ASP A 293 24.50 6.02 -7.83
N ASN A 294 25.36 5.07 -7.43
CA ASN A 294 26.10 4.21 -8.34
C ASN A 294 25.32 2.89 -8.55
N VAL A 295 24.83 2.67 -9.78
CA VAL A 295 24.02 1.52 -10.13
C VAL A 295 24.78 0.22 -9.85
N ASN A 296 26.12 0.26 -9.89
CA ASN A 296 26.87 -0.98 -9.68
C ASN A 296 26.79 -1.37 -8.21
N ILE A 297 26.89 -0.39 -7.30
CA ILE A 297 26.80 -0.66 -5.88
C ILE A 297 25.40 -1.18 -5.55
N ARG A 298 24.36 -0.67 -6.21
CA ARG A 298 22.99 -1.11 -5.93
C ARG A 298 22.83 -2.59 -6.29
N LYS A 299 23.39 -2.97 -7.43
CA LYS A 299 23.28 -4.32 -7.91
C LYS A 299 24.07 -5.26 -6.99
N ALA A 300 25.24 -4.80 -6.49
CA ALA A 300 26.06 -5.69 -5.67
C ALA A 300 25.31 -6.02 -4.38
N LEU A 301 24.61 -5.03 -3.82
CA LEU A 301 23.81 -5.22 -2.61
C LEU A 301 22.58 -6.09 -2.90
N THR A 302 22.00 -5.97 -4.08
CA THR A 302 20.82 -6.75 -4.39
C THR A 302 21.16 -8.22 -4.66
N TYR A 303 22.24 -8.44 -5.43
CA TYR A 303 22.55 -9.76 -5.97
C TYR A 303 23.15 -10.65 -4.89
N SER A 304 23.72 -10.02 -3.85
CA SER A 304 24.43 -10.72 -2.79
C SER A 304 23.49 -11.20 -1.70
N LEU A 305 22.16 -11.06 -1.90
CA LEU A 305 21.18 -11.51 -0.94
C LEU A 305 20.88 -13.00 -1.11
N ASP A 306 20.72 -13.70 0.03
CA ASP A 306 20.23 -15.06 0.11
C ASP A 306 18.78 -15.04 0.58
N ARG A 307 17.87 -14.87 -0.38
CA ARG A 307 16.47 -14.66 -0.09
C ARG A 307 15.84 -15.98 0.37
N GLN A 308 16.24 -17.12 -0.19
CA GLN A 308 15.65 -18.39 0.26
C GLN A 308 15.98 -18.61 1.74
N SER A 309 17.21 -18.26 2.21
CA SER A 309 17.56 -18.30 3.62
C SER A 309 16.63 -17.44 4.45
N ILE A 310 16.45 -16.20 3.98
CA ILE A 310 15.61 -15.24 4.67
C ILE A 310 14.19 -15.77 4.83
N VAL A 311 13.61 -16.38 3.79
CA VAL A 311 12.21 -16.77 3.88
C VAL A 311 12.07 -18.08 4.65
N LYS A 312 13.07 -18.96 4.60
CA LYS A 312 13.01 -20.20 5.35
C LYS A 312 13.46 -20.01 6.80
N ASN A 313 14.52 -19.23 7.01
CA ASN A 313 15.17 -19.23 8.33
C ASN A 313 14.80 -18.01 9.18
N VAL A 314 14.38 -16.90 8.56
CA VAL A 314 14.15 -15.65 9.27
C VAL A 314 12.64 -15.42 9.43
N THR A 315 11.89 -15.40 8.33
CA THR A 315 10.49 -14.99 8.36
C THR A 315 9.56 -16.17 8.60
N GLN A 316 9.84 -17.26 7.90
CA GLN A 316 9.23 -18.56 8.15
C GLN A 316 7.74 -18.49 7.86
N GLY A 317 7.33 -17.55 6.99
CA GLY A 317 5.94 -17.32 6.66
C GLY A 317 5.55 -17.79 5.25
N GLU A 318 6.36 -18.69 4.66
CA GLU A 318 6.11 -19.25 3.34
C GLU A 318 6.19 -18.18 2.24
N GLN A 319 6.92 -17.10 2.51
CA GLN A 319 7.16 -16.09 1.48
C GLN A 319 8.04 -16.70 0.38
N ILE A 320 7.92 -16.14 -0.83
CA ILE A 320 8.57 -16.58 -2.07
C ILE A 320 9.69 -15.60 -2.39
N PRO A 321 10.94 -16.04 -2.71
CA PRO A 321 12.03 -15.10 -2.98
C PRO A 321 11.62 -14.26 -4.17
N ALA A 322 11.86 -12.93 -4.06
CA ALA A 322 11.52 -11.95 -5.09
C ALA A 322 12.79 -11.48 -5.82
N MET A 323 12.80 -11.63 -7.14
CA MET A 323 13.86 -11.11 -7.98
C MET A 323 13.19 -10.36 -9.14
N ALA A 324 12.16 -9.58 -8.77
CA ALA A 324 11.25 -8.90 -9.66
C ALA A 324 10.41 -7.90 -8.85
N ALA A 325 9.68 -7.02 -9.55
CA ALA A 325 8.81 -6.07 -8.86
C ALA A 325 7.39 -6.61 -8.75
N VAL A 326 6.88 -7.22 -9.82
CA VAL A 326 5.48 -7.59 -9.95
C VAL A 326 5.27 -9.01 -9.44
N PRO A 327 4.39 -9.28 -8.45
CA PRO A 327 4.27 -10.60 -7.87
C PRO A 327 3.69 -11.57 -8.88
N PRO A 328 4.10 -12.87 -8.84
CA PRO A 328 3.71 -13.81 -9.88
C PRO A 328 2.25 -14.26 -9.78
N THR A 329 1.53 -13.72 -8.79
CA THR A 329 0.07 -13.83 -8.70
C THR A 329 -0.57 -13.01 -9.83
N MET A 330 0.06 -11.87 -10.21
CA MET A 330 -0.43 -10.98 -11.25
C MET A 330 -0.36 -11.73 -12.59
N LYS A 331 -1.52 -12.07 -13.16
CA LYS A 331 -1.55 -12.92 -14.35
C LYS A 331 -0.72 -12.26 -15.46
N GLY A 332 -0.06 -13.10 -16.27
CA GLY A 332 0.89 -12.66 -17.29
C GLY A 332 2.35 -12.61 -16.78
N PHE A 333 2.51 -12.70 -15.46
CA PHE A 333 3.80 -12.47 -14.82
C PHE A 333 4.19 -13.64 -13.92
N GLU A 334 3.67 -14.84 -14.21
CA GLU A 334 3.86 -16.00 -13.35
C GLU A 334 5.36 -16.33 -13.19
N ASP A 335 6.15 -16.04 -14.21
CA ASP A 335 7.55 -16.45 -14.24
C ASP A 335 8.43 -15.45 -13.49
N ASN A 336 7.81 -14.50 -12.80
CA ASN A 336 8.53 -13.74 -11.79
C ASN A 336 8.78 -14.61 -10.56
N LYS A 337 8.20 -15.82 -10.49
CA LYS A 337 8.63 -16.85 -9.54
C LYS A 337 10.16 -16.98 -9.62
N GLU A 338 10.69 -17.13 -10.84
CA GLU A 338 12.14 -17.27 -11.05
C GLU A 338 12.78 -15.89 -11.10
N GLY A 339 12.12 -14.95 -11.77
CA GLY A 339 12.55 -13.57 -11.74
C GLY A 339 13.63 -13.28 -12.78
N TYR A 340 14.22 -12.10 -12.67
CA TYR A 340 15.00 -11.50 -13.73
C TYR A 340 16.46 -11.89 -13.55
N PHE A 341 16.82 -12.28 -12.33
CA PHE A 341 18.21 -12.58 -12.04
C PHE A 341 18.24 -13.74 -11.06
N LYS A 342 19.44 -14.14 -10.63
CA LYS A 342 19.62 -15.31 -9.79
C LYS A 342 19.71 -14.88 -8.31
N ASP A 343 19.02 -15.61 -7.43
CA ASP A 343 19.13 -15.43 -5.99
C ASP A 343 20.51 -15.89 -5.53
N ASN A 344 21.01 -15.34 -4.41
CA ASN A 344 22.31 -15.69 -3.87
C ASN A 344 23.32 -15.78 -5.02
N ASP A 345 23.44 -14.70 -5.80
CA ASP A 345 24.39 -14.67 -6.90
C ASP A 345 25.59 -13.83 -6.48
N VAL A 346 26.46 -14.43 -5.67
CA VAL A 346 27.57 -13.68 -5.09
C VAL A 346 28.64 -13.35 -6.12
N LYS A 347 28.88 -14.27 -7.06
CA LYS A 347 29.89 -14.08 -8.08
C LYS A 347 29.59 -12.79 -8.83
N THR A 348 28.34 -12.67 -9.31
CA THR A 348 27.94 -11.50 -10.07
C THR A 348 27.96 -10.23 -9.23
N ALA A 349 27.55 -10.33 -7.95
CA ALA A 349 27.51 -9.20 -7.02
C ALA A 349 28.92 -8.65 -6.82
N LYS A 350 29.89 -9.55 -6.70
CA LYS A 350 31.30 -9.16 -6.53
C LYS A 350 31.80 -8.45 -7.78
N GLU A 351 31.36 -8.89 -8.96
CA GLU A 351 31.70 -8.21 -10.21
C GLU A 351 31.17 -6.78 -10.19
N TYR A 352 29.92 -6.60 -9.78
CA TYR A 352 29.31 -5.26 -9.77
C TYR A 352 30.02 -4.39 -8.76
N LEU A 353 30.34 -4.96 -7.61
CA LEU A 353 31.01 -4.18 -6.60
C LEU A 353 32.34 -3.66 -7.15
N GLU A 354 33.07 -4.54 -7.83
CA GLU A 354 34.39 -4.21 -8.32
C GLU A 354 34.30 -3.09 -9.36
N LYS A 355 33.30 -3.15 -10.24
CA LYS A 355 33.08 -2.13 -11.25
C LYS A 355 32.76 -0.75 -10.63
N GLY A 356 31.85 -0.75 -9.64
CA GLY A 356 31.47 0.45 -8.93
C GLY A 356 32.63 1.03 -8.11
N LEU A 357 33.43 0.14 -7.52
CA LEU A 357 34.63 0.52 -6.80
C LEU A 357 35.63 1.19 -7.74
N LYS A 358 35.79 0.64 -8.95
CA LYS A 358 36.69 1.19 -9.96
C LYS A 358 36.23 2.60 -10.34
N GLU A 359 34.92 2.80 -10.49
CA GLU A 359 34.40 4.10 -10.90
C GLU A 359 34.63 5.17 -9.83
N MET A 360 34.87 4.78 -8.58
CA MET A 360 35.05 5.75 -7.50
C MET A 360 36.53 6.00 -7.22
N GLY A 361 37.42 5.32 -7.94
CA GLY A 361 38.85 5.31 -7.66
C GLY A 361 39.18 4.54 -6.38
N LEU A 362 38.32 3.60 -5.97
CA LEU A 362 38.52 2.79 -4.77
C LEU A 362 38.96 1.37 -5.15
N SER A 363 39.76 0.77 -4.24
CA SER A 363 40.23 -0.60 -4.37
C SER A 363 39.43 -1.55 -3.47
N LYS A 364 39.07 -1.12 -2.25
CA LYS A 364 38.48 -2.02 -1.26
C LYS A 364 37.16 -1.47 -0.70
N ALA A 365 36.20 -2.38 -0.50
CA ALA A 365 34.85 -2.04 -0.08
C ALA A 365 34.83 -1.42 1.33
N SER A 366 35.84 -1.70 2.16
CA SER A 366 35.95 -1.07 3.47
C SER A 366 36.00 0.46 3.38
N ASP A 367 36.37 1.00 2.22
CA ASP A 367 36.65 2.42 2.05
C ASP A 367 35.48 3.15 1.38
N LEU A 368 34.34 2.46 1.18
CA LEU A 368 33.13 3.14 0.80
C LEU A 368 32.70 4.12 1.89
N PRO A 369 31.89 5.16 1.58
CA PRO A 369 31.33 6.03 2.64
C PRO A 369 30.33 5.27 3.52
N LYS A 370 30.07 5.82 4.72
CA LYS A 370 29.14 5.21 5.66
C LYS A 370 27.81 4.94 4.95
N ILE A 371 27.26 3.74 5.18
CA ILE A 371 25.94 3.39 4.68
C ILE A 371 25.07 3.01 5.89
N LYS A 372 23.91 3.68 6.03
CA LYS A 372 22.94 3.34 7.05
C LYS A 372 21.76 2.64 6.37
N LEU A 373 21.37 1.47 6.89
CA LEU A 373 20.19 0.77 6.43
C LEU A 373 19.07 1.01 7.44
N SER A 374 17.92 1.52 6.95
CA SER A 374 16.82 1.98 7.79
C SER A 374 15.63 1.04 7.67
N TYR A 375 14.89 0.91 8.78
CA TYR A 375 13.57 0.29 8.70
C TYR A 375 12.63 0.91 9.73
N ASN A 376 11.32 0.58 9.63
CA ASN A 376 10.36 0.97 10.64
C ASN A 376 10.40 -0.02 11.81
N THR A 377 10.36 0.51 13.05
CA THR A 377 10.47 -0.26 14.28
C THR A 377 9.55 -1.49 14.23
N ASP A 378 10.17 -2.67 14.38
CA ASP A 378 9.50 -3.95 14.30
C ASP A 378 10.58 -5.02 14.36
N ASP A 379 10.44 -5.95 15.32
CA ASP A 379 11.43 -7.01 15.52
C ASP A 379 11.60 -7.82 14.25
N ALA A 380 10.52 -8.07 13.49
CA ALA A 380 10.62 -8.83 12.27
C ALA A 380 11.52 -8.10 11.26
N HIS A 381 11.42 -6.77 11.16
CA HIS A 381 12.19 -6.02 10.18
C HIS A 381 13.66 -5.97 10.59
N ALA A 382 13.91 -5.96 11.91
CA ALA A 382 15.27 -5.92 12.45
C ALA A 382 15.97 -7.24 12.16
N LYS A 383 15.25 -8.34 12.35
CA LYS A 383 15.80 -9.67 12.10
C LYS A 383 16.24 -9.80 10.64
N ILE A 384 15.39 -9.33 9.71
CA ILE A 384 15.72 -9.33 8.29
C ILE A 384 16.94 -8.43 8.04
N ALA A 385 16.95 -7.26 8.67
CA ALA A 385 18.00 -6.30 8.43
C ALA A 385 19.35 -6.80 8.94
N GLN A 386 19.33 -7.49 10.08
CA GLN A 386 20.50 -8.11 10.67
C GLN A 386 21.05 -9.23 9.80
N ALA A 387 20.17 -10.03 9.20
CA ALA A 387 20.57 -11.07 8.26
C ALA A 387 21.25 -10.45 7.04
N VAL A 388 20.61 -9.42 6.46
CA VAL A 388 21.09 -8.75 5.26
C VAL A 388 22.43 -8.08 5.56
N GLN A 389 22.52 -7.44 6.74
CA GLN A 389 23.74 -6.81 7.17
C GLN A 389 24.87 -7.84 7.21
N GLU A 390 24.52 -9.08 7.57
CA GLU A 390 25.52 -10.13 7.68
C GLU A 390 25.94 -10.54 6.27
N MET A 391 24.93 -10.76 5.39
CA MET A 391 25.17 -11.11 4.00
C MET A 391 26.13 -10.13 3.35
N TRP A 392 25.98 -8.84 3.61
CA TRP A 392 26.81 -7.83 2.96
C TRP A 392 28.23 -7.85 3.53
N LYS A 393 28.33 -8.09 4.84
CA LYS A 393 29.62 -8.13 5.50
C LYS A 393 30.38 -9.32 4.93
N LYS A 394 29.80 -10.53 5.01
CA LYS A 394 30.47 -11.77 4.64
C LYS A 394 30.75 -11.83 3.12
N ASN A 395 29.77 -11.40 2.30
CA ASN A 395 29.79 -11.61 0.85
C ASN A 395 30.46 -10.46 0.10
N LEU A 396 30.44 -9.25 0.66
CA LEU A 396 30.91 -8.11 -0.08
C LEU A 396 32.01 -7.36 0.67
N GLY A 397 32.11 -7.55 2.00
CA GLY A 397 32.98 -6.74 2.86
C GLY A 397 32.44 -5.32 3.08
N VAL A 398 31.11 -5.17 2.98
CA VAL A 398 30.47 -3.87 3.10
C VAL A 398 29.84 -3.78 4.50
N ASP A 399 30.23 -2.74 5.26
CA ASP A 399 29.67 -2.42 6.58
C ASP A 399 28.49 -1.47 6.44
N VAL A 400 27.39 -1.78 7.11
CA VAL A 400 26.24 -0.89 7.16
C VAL A 400 25.82 -0.77 8.62
N GLU A 401 25.39 0.42 9.04
CA GLU A 401 24.83 0.55 10.38
C GLU A 401 23.31 0.63 10.24
N LEU A 402 22.60 0.09 11.26
CA LEU A 402 21.14 0.01 11.23
C LEU A 402 20.51 1.14 12.04
N ASP A 403 19.27 1.46 11.69
CA ASP A 403 18.49 2.36 12.51
C ASP A 403 17.02 2.10 12.22
N ASN A 404 16.17 2.47 13.18
CA ASN A 404 14.73 2.24 13.06
C ASN A 404 13.96 3.47 13.55
N SER A 405 12.74 3.61 13.04
CA SER A 405 11.87 4.75 13.29
C SER A 405 10.43 4.27 13.43
N GLU A 406 9.60 5.06 14.11
CA GLU A 406 8.17 4.80 14.17
C GLU A 406 7.60 5.01 12.76
N TRP A 407 6.59 4.18 12.42
CA TRP A 407 6.04 4.03 11.08
C TRP A 407 5.74 5.37 10.40
N ASN A 408 4.99 6.25 11.07
CA ASN A 408 4.45 7.41 10.37
C ASN A 408 5.59 8.40 10.09
N VAL A 409 6.54 8.52 11.02
CA VAL A 409 7.73 9.34 10.82
C VAL A 409 8.57 8.75 9.70
N TYR A 410 8.75 7.44 9.80
CA TYR A 410 9.47 6.65 8.81
C TYR A 410 8.97 6.93 7.39
N ILE A 411 7.65 6.89 7.16
CA ILE A 411 7.09 7.15 5.84
C ILE A 411 7.56 8.51 5.30
N ASP A 412 7.70 9.53 6.17
CA ASP A 412 8.16 10.85 5.73
C ASP A 412 9.68 10.88 5.48
N LYS A 413 10.43 10.10 6.27
CA LYS A 413 11.87 9.96 6.08
C LYS A 413 12.18 9.45 4.66
N LEU A 414 11.42 8.46 4.17
CA LEU A 414 11.66 7.87 2.86
C LEU A 414 11.14 8.81 1.77
N HIS A 415 9.92 9.30 1.96
CA HIS A 415 9.35 10.23 1.00
C HIS A 415 10.28 11.43 0.82
N SER A 416 10.87 11.97 1.89
CA SER A 416 11.75 13.12 1.79
C SER A 416 13.20 12.74 1.40
N GLN A 417 13.47 11.45 1.17
CA GLN A 417 14.80 10.96 0.78
C GLN A 417 15.84 11.28 1.85
N ASP A 418 15.45 11.22 3.11
CA ASP A 418 16.41 11.46 4.17
C ASP A 418 16.87 10.09 4.69
N TYR A 419 17.54 9.33 3.81
CA TYR A 419 17.89 7.92 4.03
C TYR A 419 18.81 7.47 2.89
N GLN A 420 19.46 6.31 3.08
CA GLN A 420 20.31 5.70 2.06
C GLN A 420 19.67 4.41 1.56
N ILE A 421 19.53 3.46 2.47
CA ILE A 421 18.74 2.25 2.20
C ILE A 421 17.60 2.19 3.22
N GLY A 422 16.42 1.77 2.75
CA GLY A 422 15.20 1.84 3.54
C GLY A 422 14.25 0.69 3.23
N ARG A 423 13.98 -0.14 4.25
CA ARG A 423 13.00 -1.20 4.18
C ARG A 423 11.66 -0.60 3.80
N MET A 424 10.97 -1.25 2.86
CA MET A 424 9.60 -0.90 2.58
C MET A 424 8.85 -2.16 2.12
N GLY A 425 7.52 -2.12 2.19
CA GLY A 425 6.70 -3.20 1.65
C GLY A 425 5.59 -2.59 0.82
N TRP A 426 5.17 -3.25 -0.26
CA TRP A 426 4.16 -2.67 -1.13
C TRP A 426 3.13 -3.73 -1.44
N LEU A 427 1.89 -3.47 -1.07
CA LEU A 427 0.75 -4.29 -1.45
C LEU A 427 0.00 -3.61 -2.58
N GLY A 428 -0.57 -4.43 -3.48
CA GLY A 428 -1.35 -3.93 -4.61
C GLY A 428 -2.59 -3.15 -4.18
N ASP A 429 -2.87 -2.06 -4.90
CA ASP A 429 -4.03 -1.23 -4.65
C ASP A 429 -5.17 -1.65 -5.59
N PHE A 430 -4.85 -2.34 -6.67
CA PHE A 430 -5.87 -2.88 -7.55
C PHE A 430 -5.23 -4.05 -8.28
N ASN A 431 -6.02 -4.83 -9.01
CA ASN A 431 -5.52 -6.08 -9.56
C ASN A 431 -5.02 -5.81 -10.99
N ASP A 432 -3.88 -5.10 -11.08
CA ASP A 432 -3.22 -4.91 -12.35
C ASP A 432 -1.71 -4.75 -12.10
N PRO A 433 -0.85 -5.41 -12.88
CA PRO A 433 0.60 -5.30 -12.67
C PRO A 433 1.19 -3.90 -12.61
N ILE A 434 0.57 -2.91 -13.27
CA ILE A 434 1.12 -1.56 -13.33
C ILE A 434 1.15 -0.91 -11.94
N ASN A 435 0.29 -1.35 -11.02
CA ASN A 435 0.32 -0.77 -9.69
C ASN A 435 1.69 -0.96 -9.04
N PHE A 436 2.48 -1.94 -9.49
CA PHE A 436 3.80 -2.20 -8.91
C PHE A 436 4.91 -1.45 -9.65
N LEU A 437 4.54 -0.68 -10.68
CA LEU A 437 5.48 -0.06 -11.59
C LEU A 437 5.28 1.46 -11.62
N GLU A 438 4.03 1.94 -11.74
CA GLU A 438 3.83 3.36 -11.99
C GLU A 438 4.23 4.21 -10.78
N LEU A 439 4.41 3.60 -9.61
CA LEU A 439 4.89 4.36 -8.46
C LEU A 439 6.33 4.82 -8.66
N PHE A 440 7.01 4.35 -9.72
CA PHE A 440 8.39 4.76 -10.00
C PHE A 440 8.48 5.49 -11.34
N ARG A 441 7.32 5.87 -11.90
CA ARG A 441 7.25 6.51 -13.20
C ARG A 441 8.00 7.85 -13.13
N ASP A 442 7.78 8.58 -12.03
CA ASP A 442 8.12 9.99 -11.95
C ASP A 442 9.03 10.18 -10.76
N LYS A 443 10.03 11.03 -10.98
CA LYS A 443 11.06 11.29 -10.00
C LYS A 443 10.48 11.70 -8.65
N ASN A 444 9.50 12.61 -8.63
CA ASN A 444 8.93 13.09 -7.37
C ASN A 444 7.53 12.53 -7.16
N GLY A 445 7.25 11.37 -7.77
CA GLY A 445 6.07 10.59 -7.43
C GLY A 445 6.01 10.37 -5.91
N GLY A 446 4.80 10.37 -5.35
CA GLY A 446 4.66 10.38 -3.90
C GLY A 446 5.22 9.12 -3.24
N ASN A 447 5.21 8.00 -3.97
CA ASN A 447 5.44 6.67 -3.43
C ASN A 447 6.68 6.05 -4.06
N ASN A 448 7.39 6.85 -4.86
CA ASN A 448 8.64 6.47 -5.49
C ASN A 448 9.70 6.39 -4.39
N ASP A 449 10.16 7.52 -3.87
CA ASP A 449 11.09 7.55 -2.74
C ASP A 449 12.55 7.36 -3.18
N THR A 450 12.83 6.93 -4.43
CA THR A 450 14.19 6.53 -4.77
C THR A 450 14.94 7.64 -5.51
N GLY A 451 14.21 8.66 -5.97
CA GLY A 451 14.73 9.73 -6.80
C GLY A 451 15.00 9.27 -8.24
N TRP A 452 14.59 8.04 -8.57
CA TRP A 452 14.91 7.46 -9.87
C TRP A 452 13.79 7.77 -10.84
N GLU A 453 14.16 8.04 -12.10
CA GLU A 453 13.24 7.89 -13.21
C GLU A 453 14.02 7.54 -14.48
N ASN A 454 13.34 6.90 -15.42
CA ASN A 454 13.95 6.50 -16.66
C ASN A 454 13.00 6.89 -17.79
N PRO A 455 13.49 7.61 -18.84
CA PRO A 455 12.65 8.04 -19.96
C PRO A 455 11.98 6.90 -20.71
N GLU A 456 12.74 5.85 -20.98
CA GLU A 456 12.20 4.68 -21.68
C GLU A 456 11.15 3.97 -20.79
N PHE A 457 11.42 3.88 -19.49
CA PHE A 457 10.52 3.20 -18.57
C PHE A 457 9.16 3.90 -18.60
N LYS A 458 9.23 5.22 -18.50
CA LYS A 458 8.05 6.07 -18.59
C LYS A 458 7.32 5.84 -19.90
N LYS A 459 8.04 5.95 -21.02
CA LYS A 459 7.42 5.88 -22.33
C LYS A 459 6.63 4.58 -22.46
N LEU A 460 7.17 3.48 -21.90
CA LEU A 460 6.54 2.16 -22.02
C LEU A 460 5.30 2.08 -21.13
N LEU A 461 5.40 2.61 -19.91
CA LEU A 461 4.26 2.70 -19.01
C LEU A 461 3.09 3.41 -19.69
N ASN A 462 3.37 4.59 -20.26
CA ASN A 462 2.35 5.42 -20.91
C ASN A 462 1.82 4.67 -22.14
N GLN A 463 2.70 3.92 -22.82
CA GLN A 463 2.29 3.19 -24.01
C GLN A 463 1.37 2.06 -23.60
N SER A 464 1.64 1.45 -22.44
CA SER A 464 0.79 0.39 -21.91
C SER A 464 -0.64 0.87 -21.68
N GLN A 465 -0.82 2.18 -21.43
CA GLN A 465 -2.14 2.68 -21.08
C GLN A 465 -2.99 2.96 -22.32
N THR A 466 -2.37 2.92 -23.52
CA THR A 466 -3.03 3.09 -24.82
C THR A 466 -3.12 1.78 -25.60
N GLU A 467 -2.50 0.69 -25.12
CA GLU A 467 -2.46 -0.56 -25.87
C GLU A 467 -3.71 -1.40 -25.57
N THR A 468 -4.42 -1.77 -26.65
CA THR A 468 -5.74 -2.37 -26.54
C THR A 468 -5.66 -3.90 -26.47
N ASP A 469 -4.58 -4.49 -26.98
CA ASP A 469 -4.42 -5.93 -26.84
C ASP A 469 -3.76 -6.19 -25.48
N LYS A 470 -4.39 -7.08 -24.70
CA LYS A 470 -3.97 -7.38 -23.33
C LYS A 470 -2.56 -7.99 -23.30
N THR A 471 -2.26 -8.95 -24.19
CA THR A 471 -0.96 -9.62 -24.21
C THR A 471 0.16 -8.66 -24.65
N LYS A 472 -0.10 -7.86 -25.67
CA LYS A 472 0.85 -6.84 -26.09
C LYS A 472 1.07 -5.83 -24.97
N ARG A 473 -0.01 -5.43 -24.26
CA ARG A 473 0.14 -4.52 -23.13
C ARG A 473 1.09 -5.13 -22.10
N ALA A 474 0.84 -6.41 -21.77
CA ALA A 474 1.59 -7.12 -20.76
C ALA A 474 3.09 -7.12 -21.10
N GLU A 475 3.41 -7.21 -22.39
CA GLU A 475 4.78 -7.27 -22.88
C GLU A 475 5.45 -5.91 -22.68
N LEU A 476 4.66 -4.84 -22.88
CA LEU A 476 5.18 -3.51 -22.63
C LEU A 476 5.59 -3.39 -21.16
N LEU A 477 4.73 -3.89 -20.25
CA LEU A 477 5.00 -3.80 -18.82
C LEU A 477 6.20 -4.66 -18.42
N LYS A 478 6.38 -5.81 -19.08
CA LYS A 478 7.51 -6.68 -18.82
C LYS A 478 8.81 -5.99 -19.24
N LYS A 479 8.80 -5.38 -20.44
CA LYS A 479 9.90 -4.57 -20.95
C LYS A 479 10.30 -3.54 -19.90
N ALA A 480 9.28 -2.79 -19.43
CA ALA A 480 9.42 -1.77 -18.43
C ALA A 480 10.06 -2.33 -17.16
N GLU A 481 9.49 -3.44 -16.66
CA GLU A 481 10.03 -4.10 -15.49
C GLU A 481 11.50 -4.47 -15.71
N GLY A 482 11.83 -4.97 -16.89
CA GLY A 482 13.21 -5.30 -17.24
C GLY A 482 14.15 -4.11 -17.08
N ILE A 483 13.71 -2.93 -17.51
CA ILE A 483 14.55 -1.74 -17.39
C ILE A 483 14.71 -1.40 -15.91
N PHE A 484 13.62 -1.53 -15.16
CA PHE A 484 13.63 -1.25 -13.74
C PHE A 484 14.67 -2.12 -13.04
N ILE A 485 14.59 -3.44 -13.28
CA ILE A 485 15.44 -4.37 -12.56
C ILE A 485 16.90 -4.15 -12.96
N ASP A 486 17.09 -3.81 -14.24
CA ASP A 486 18.42 -3.52 -14.75
C ASP A 486 19.05 -2.32 -14.05
N GLU A 487 18.27 -1.31 -13.64
CA GLU A 487 18.83 -0.14 -12.96
C GLU A 487 18.70 -0.26 -11.44
N MET A 488 17.96 -1.27 -10.95
CA MET A 488 17.86 -1.61 -9.54
C MET A 488 17.71 -0.37 -8.64
N PRO A 489 16.63 0.43 -8.74
CA PRO A 489 16.40 1.52 -7.80
C PRO A 489 15.97 0.98 -6.42
N VAL A 490 15.48 -0.29 -6.41
CA VAL A 490 15.13 -1.04 -5.22
C VAL A 490 15.70 -2.44 -5.31
N ALA A 491 15.88 -3.08 -4.15
CA ALA A 491 16.32 -4.45 -4.08
C ALA A 491 15.15 -5.32 -3.64
N PRO A 492 14.54 -6.11 -4.57
CA PRO A 492 13.49 -7.05 -4.18
C PRO A 492 14.05 -8.15 -3.28
N ILE A 493 13.26 -8.50 -2.24
CA ILE A 493 13.61 -9.54 -1.29
C ILE A 493 12.61 -10.70 -1.36
N TYR A 494 11.32 -10.45 -1.07
CA TYR A 494 10.34 -11.51 -1.18
C TYR A 494 8.94 -10.99 -1.50
N PHE A 495 8.11 -11.88 -2.04
CA PHE A 495 6.69 -11.63 -2.24
C PHE A 495 5.92 -12.09 -1.01
N TYR A 496 4.83 -11.40 -0.74
CA TYR A 496 4.24 -11.51 0.59
C TYR A 496 3.37 -12.74 0.76
N THR A 497 3.21 -13.09 2.05
CA THR A 497 2.04 -13.82 2.51
C THR A 497 1.40 -13.05 3.66
N ASP A 498 0.12 -13.36 3.86
CA ASP A 498 -0.57 -13.00 5.09
C ASP A 498 -0.60 -14.24 5.96
N THR A 499 -0.11 -14.10 7.20
CA THR A 499 -0.15 -15.10 8.25
C THR A 499 -0.90 -14.54 9.46
N TRP A 500 -1.86 -15.31 9.97
CA TRP A 500 -2.60 -14.91 11.17
C TRP A 500 -3.26 -16.12 11.82
N VAL A 501 -3.65 -15.98 13.09
CA VAL A 501 -4.61 -16.88 13.69
C VAL A 501 -5.83 -16.04 14.08
N GLN A 502 -7.00 -16.70 14.16
CA GLN A 502 -8.19 -15.99 14.59
C GLN A 502 -9.09 -16.88 15.44
N ASP A 503 -9.98 -16.24 16.20
CA ASP A 503 -11.20 -16.86 16.66
C ASP A 503 -11.92 -17.38 15.42
N GLU A 504 -12.12 -18.70 15.36
CA GLU A 504 -12.69 -19.31 14.18
C GLU A 504 -14.22 -19.15 14.16
N ASN A 505 -14.78 -18.45 15.14
CA ASN A 505 -16.20 -18.09 15.10
C ASN A 505 -16.39 -16.80 14.30
N LEU A 506 -15.31 -16.06 14.07
CA LEU A 506 -15.38 -14.88 13.23
C LEU A 506 -15.55 -15.29 11.77
N LYS A 507 -16.75 -15.06 11.23
CA LYS A 507 -17.08 -15.36 9.84
C LYS A 507 -17.23 -14.08 9.03
N GLY A 508 -17.18 -14.23 7.70
CA GLY A 508 -17.60 -13.21 6.74
C GLY A 508 -16.59 -12.08 6.51
N VAL A 509 -15.37 -12.21 7.02
CA VAL A 509 -14.32 -11.19 6.81
C VAL A 509 -13.88 -11.23 5.35
N ILE A 510 -13.70 -10.05 4.75
CA ILE A 510 -13.35 -9.94 3.34
C ILE A 510 -11.88 -9.60 3.22
N MET A 511 -11.13 -10.49 2.54
CA MET A 511 -9.69 -10.44 2.43
C MET A 511 -9.29 -10.80 0.99
N PRO A 512 -9.22 -9.83 0.06
CA PRO A 512 -8.89 -10.14 -1.32
C PRO A 512 -7.39 -10.46 -1.46
N GLY A 513 -6.99 -10.88 -2.65
CA GLY A 513 -5.60 -11.21 -2.94
C GLY A 513 -4.62 -10.06 -2.78
N THR A 514 -5.09 -8.82 -2.63
CA THR A 514 -4.19 -7.67 -2.52
C THR A 514 -3.80 -7.38 -1.08
N GLY A 515 -4.40 -8.10 -0.12
CA GLY A 515 -3.84 -8.16 1.23
C GLY A 515 -4.45 -7.16 2.21
N GLU A 516 -5.61 -6.59 1.84
CA GLU A 516 -6.37 -5.75 2.74
C GLU A 516 -7.48 -6.58 3.37
N VAL A 517 -8.15 -5.97 4.35
CA VAL A 517 -9.26 -6.57 5.09
C VAL A 517 -10.41 -5.58 5.27
N TYR A 518 -11.61 -6.06 4.94
CA TYR A 518 -12.87 -5.35 5.13
C TYR A 518 -13.75 -6.13 6.13
N PHE A 519 -14.25 -5.42 7.16
CA PHE A 519 -15.04 -6.03 8.24
C PHE A 519 -16.53 -5.75 8.07
N ARG A 520 -16.87 -5.12 6.95
CA ARG A 520 -18.22 -4.64 6.67
C ARG A 520 -19.26 -5.71 6.98
N ASN A 521 -19.04 -6.97 6.62
CA ASN A 521 -20.10 -7.96 6.76
C ASN A 521 -19.66 -9.09 7.67
N ALA A 522 -18.66 -8.81 8.50
CA ALA A 522 -18.09 -9.79 9.41
C ALA A 522 -18.98 -9.95 10.65
N TYR A 523 -19.03 -11.17 11.21
CA TYR A 523 -19.81 -11.48 12.41
C TYR A 523 -19.16 -12.64 13.15
N PHE A 524 -19.54 -12.82 14.42
CA PHE A 524 -19.30 -14.03 15.19
C PHE A 524 -20.57 -14.89 15.19
N LYS A 525 -20.43 -16.19 14.95
CA LYS A 525 -21.60 -16.99 14.61
C LYS A 525 -22.39 -17.35 15.88
N SER B 1 -0.10 0.34 -1.71
CA SER B 1 0.06 1.00 -0.39
C SER B 1 1.28 0.46 0.35
N ARG B 2 1.82 1.30 1.22
CA ARG B 2 2.98 0.97 2.01
C ARG B 2 2.54 0.06 3.14
N ASN B 3 3.32 -1.00 3.38
CA ASN B 3 2.91 -1.99 4.34
C ASN B 3 3.84 -1.95 5.53
N VAL B 4 3.22 -1.78 6.71
CA VAL B 4 3.98 -1.62 7.95
C VAL B 4 4.72 -2.91 8.27
N THR B 5 4.07 -4.03 7.95
CA THR B 5 4.53 -5.37 8.25
C THR B 5 5.11 -5.96 6.97
#